data_3IKD
#
_entry.id   3IKD
#
_cell.length_a   117.354
_cell.length_b   36.028
_cell.length_c   51.281
_cell.angle_alpha   90.0
_cell.angle_beta   100.297
_cell.angle_gamma   90.0
#
_symmetry.space_group_name_H-M   'C 1 2 1'
#
loop_
_entity.id
_entity.type
_entity.pdbx_description
1 polymer 'Peptidyl-prolyl cis-trans isomerase NIMA-interacting 1'
2 non-polymer '(2R)-2-[(1-benzothiophen-2-ylcarbonyl)amino]-3-phenylpropyl phosphate'
3 water water
#
_entity_poly.entity_id   1
_entity_poly.type   'polypeptide(L)'
_entity_poly.pdbx_seq_one_letter_code
;GSHMGKNGQGEPARVRCSHLLVKHSQSRRPSSWRQEQITRTQEEALELINGYIQKIKSGEEDFESLASQFSDCSSAKARG
DLGAFSRGQMQKPFEDASFALRTGEMSGPVFTDSGIHIILRTE
;
_entity_poly.pdbx_strand_id   A,B
#
# COMPACT_ATOMS: atom_id res chain seq x y z
N GLU A 11 8.37 -4.25 1.05
CA GLU A 11 7.56 -3.57 2.11
C GLU A 11 7.44 -4.37 3.40
N PRO A 12 7.79 -3.89 4.58
CA PRO A 12 7.63 -4.73 5.78
C PRO A 12 6.15 -5.18 6.01
N ALA A 13 5.98 -6.16 6.89
CA ALA A 13 4.62 -6.62 7.25
C ALA A 13 3.86 -5.48 7.89
N ARG A 14 4.58 -4.70 8.68
CA ARG A 14 3.96 -3.58 9.42
C ARG A 14 4.87 -2.41 9.54
N VAL A 15 4.32 -1.22 9.64
CA VAL A 15 5.13 -0.03 9.84
C VAL A 15 4.66 0.61 11.13
N ARG A 16 5.51 1.32 11.84
CA ARG A 16 5.04 2.04 13.05
C ARG A 16 5.07 3.50 12.72
N CYS A 17 3.99 4.14 13.04
CA CYS A 17 3.90 5.56 12.75
C CYS A 17 3.30 6.40 13.86
N SER A 18 3.68 7.65 13.79
CA SER A 18 3.13 8.67 14.65
C SER A 18 2.35 9.62 13.73
N HIS A 19 1.43 10.40 14.25
CA HIS A 19 0.72 11.33 13.35
C HIS A 19 0.09 12.50 14.07
N LEU A 20 -0.15 13.56 13.38
CA LEU A 20 -0.85 14.71 13.94
C LEU A 20 -2.11 14.79 13.04
N LEU A 21 -3.28 14.83 13.65
CA LEU A 21 -4.57 14.91 12.92
C LEU A 21 -5.29 16.20 13.16
N VAL A 22 -5.61 16.95 12.13
CA VAL A 22 -6.39 18.16 12.29
C VAL A 22 -7.81 17.89 11.75
N LYS A 23 -8.76 17.66 12.62
CA LYS A 23 -10.18 17.43 12.15
C LYS A 23 -10.83 18.72 11.70
N HIS A 24 -12.01 18.67 11.07
CA HIS A 24 -12.72 19.90 10.64
C HIS A 24 -14.23 19.71 10.76
N SER A 25 -15.10 20.71 10.59
CA SER A 25 -16.56 20.50 10.75
C SER A 25 -17.20 19.45 9.81
N GLN A 26 -16.54 19.03 8.72
CA GLN A 26 -17.06 18.00 7.78
C GLN A 26 -16.42 16.64 7.99
N SER A 27 -15.66 16.50 9.10
CA SER A 27 -15.02 15.21 9.45
C SER A 27 -16.08 14.19 9.82
N ARG A 28 -15.78 12.92 9.64
CA ARG A 28 -16.63 11.77 9.96
C ARG A 28 -17.21 11.85 11.41
N ARG A 29 -16.38 12.30 12.37
CA ARG A 29 -16.73 12.47 13.79
C ARG A 29 -16.12 13.78 14.26
N PRO A 30 -16.82 14.89 14.00
CA PRO A 30 -16.25 16.18 14.32
C PRO A 30 -16.19 16.59 15.80
N SER A 31 -15.42 15.85 16.57
CA SER A 31 -15.20 16.16 17.99
C SER A 31 -13.93 15.42 18.41
N SER A 32 -13.26 15.84 19.46
CA SER A 32 -12.01 15.17 19.84
C SER A 32 -11.73 15.27 21.31
N TRP A 33 -10.77 14.56 21.85
CA TRP A 33 -10.50 14.70 23.28
C TRP A 33 -10.29 16.19 23.69
N ARG A 34 -9.66 16.99 22.83
CA ARG A 34 -9.36 18.43 23.09
C ARG A 34 -10.44 19.46 22.80
N GLN A 35 -11.43 19.06 22.02
CA GLN A 35 -12.52 19.98 21.67
C GLN A 35 -13.87 19.28 21.49
N GLU A 36 -14.80 19.66 22.33
CA GLU A 36 -16.14 19.07 22.35
C GLU A 36 -16.81 19.07 20.99
N GLN A 37 -16.61 20.12 20.21
CA GLN A 37 -17.16 20.22 18.87
C GLN A 37 -16.15 20.82 17.92
N ILE A 38 -15.82 20.14 16.83
CA ILE A 38 -14.87 20.75 15.87
C ILE A 38 -15.62 21.74 14.95
N THR A 39 -15.33 23.00 15.15
CA THR A 39 -16.00 24.04 14.36
C THR A 39 -15.22 24.60 13.17
N ARG A 40 -13.91 24.34 13.18
CA ARG A 40 -13.06 24.89 12.09
C ARG A 40 -13.38 24.33 10.72
N THR A 41 -13.29 25.15 9.70
CA THR A 41 -13.54 24.71 8.32
C THR A 41 -12.43 23.86 7.73
N GLN A 42 -12.68 23.16 6.60
CA GLN A 42 -11.66 22.31 5.89
C GLN A 42 -10.43 23.13 5.52
N GLU A 43 -10.70 24.32 5.03
CA GLU A 43 -9.65 25.26 4.64
C GLU A 43 -8.77 25.63 5.85
N GLU A 44 -9.40 25.98 6.99
CA GLU A 44 -8.61 26.33 8.18
C GLU A 44 -7.77 25.13 8.61
N ALA A 45 -8.33 23.89 8.57
CA ALA A 45 -7.57 22.70 8.96
C ALA A 45 -6.30 22.44 8.12
N LEU A 46 -6.40 22.52 6.81
CA LEU A 46 -5.23 22.35 5.89
C LEU A 46 -4.26 23.51 6.08
N GLU A 47 -4.76 24.73 6.26
CA GLU A 47 -3.90 25.89 6.54
C GLU A 47 -3.12 25.61 7.84
N LEU A 48 -3.74 25.03 8.88
CA LEU A 48 -3.01 24.67 10.17
C LEU A 48 -1.95 23.61 9.87
N ILE A 49 -2.33 22.48 9.23
CA ILE A 49 -1.44 21.37 8.83
C ILE A 49 -0.23 21.94 8.06
N ASN A 50 -0.46 22.83 7.10
CA ASN A 50 0.67 23.39 6.40
C ASN A 50 1.50 24.32 7.27
N GLY A 51 0.89 25.00 8.26
CA GLY A 51 1.64 25.87 9.21
C GLY A 51 2.59 24.97 10.02
N TYR A 52 2.09 23.86 10.54
CA TYR A 52 2.87 22.87 11.32
C TYR A 52 3.97 22.29 10.47
N ILE A 53 3.68 21.93 9.21
CA ILE A 53 4.72 21.39 8.29
C ILE A 53 5.86 22.39 8.08
N GLN A 54 5.56 23.63 7.69
CA GLN A 54 6.67 24.56 7.48
C GLN A 54 7.49 24.81 8.79
N LYS A 55 6.83 24.86 9.95
CA LYS A 55 7.52 25.02 11.27
C LYS A 55 8.37 23.78 11.68
N ILE A 56 7.90 22.57 11.38
CA ILE A 56 8.68 21.33 11.66
C ILE A 56 9.90 21.31 10.71
N LYS A 57 9.69 21.70 9.45
CA LYS A 57 10.83 21.75 8.53
C LYS A 57 11.88 22.83 8.93
N SER A 58 11.44 24.00 9.42
CA SER A 58 12.37 25.08 9.84
C SER A 58 13.13 24.73 11.11
N GLY A 59 12.51 23.91 11.96
CA GLY A 59 13.05 23.46 13.27
C GLY A 59 12.36 24.18 14.44
N GLU A 60 11.53 25.15 14.11
CA GLU A 60 10.79 25.95 15.08
C GLU A 60 9.95 25.10 16.04
N GLU A 61 9.30 24.07 15.53
CA GLU A 61 8.52 23.17 16.38
C GLU A 61 8.93 21.72 16.22
N ASP A 62 8.66 20.92 17.25
CA ASP A 62 8.92 19.48 17.23
C ASP A 62 7.58 18.74 16.88
N PHE A 63 7.63 17.76 15.96
CA PHE A 63 6.45 16.98 15.52
C PHE A 63 5.69 16.36 16.66
N GLU A 64 6.34 15.53 17.49
CA GLU A 64 5.66 14.90 18.65
C GLU A 64 5.09 15.89 19.68
N SER A 65 5.72 17.05 19.91
CA SER A 65 5.16 18.08 20.83
C SER A 65 3.92 18.69 20.24
N LEU A 66 3.97 19.08 18.95
CA LEU A 66 2.77 19.65 18.30
C LEU A 66 1.70 18.56 18.35
N ALA A 67 2.09 17.30 18.12
CA ALA A 67 1.11 16.20 18.14
C ALA A 67 0.40 16.11 19.49
N SER A 68 1.19 15.97 20.56
CA SER A 68 0.63 15.88 21.94
C SER A 68 -0.26 17.03 22.34
N GLN A 69 -0.03 18.20 21.80
CA GLN A 69 -0.80 19.46 22.01
C GLN A 69 -2.10 19.78 21.21
N PHE A 70 -1.97 19.66 19.87
CA PHE A 70 -3.05 19.97 18.88
C PHE A 70 -3.65 18.84 18.07
N SER A 71 -3.16 17.62 18.18
CA SER A 71 -3.78 16.53 17.40
C SER A 71 -5.15 16.11 17.88
N ASP A 72 -6.12 16.14 16.97
CA ASP A 72 -7.49 15.71 17.33
C ASP A 72 -7.66 14.23 17.49
N CYS A 73 -6.58 13.49 17.39
CA CYS A 73 -6.61 12.02 17.56
C CYS A 73 -6.19 11.65 18.99
N SER A 74 -6.88 10.74 19.71
CA SER A 74 -6.49 10.37 21.09
C SER A 74 -5.02 9.95 21.24
N SER A 75 -4.40 9.55 20.13
CA SER A 75 -2.95 9.20 20.16
C SER A 75 -2.14 10.41 20.61
N ALA A 76 -2.72 11.59 20.77
CA ALA A 76 -2.07 12.82 21.23
C ALA A 76 -1.37 12.56 22.55
N LYS A 77 -2.03 11.86 23.48
CA LYS A 77 -1.47 11.49 24.81
C LYS A 77 -0.20 10.67 24.64
N ALA A 78 -0.11 9.81 23.62
CA ALA A 78 1.12 9.03 23.33
C ALA A 78 2.01 9.80 22.35
N ARG A 79 2.01 11.14 22.40
CA ARG A 79 2.77 12.05 21.53
C ARG A 79 2.59 11.74 20.03
N GLY A 80 1.37 11.39 19.65
CA GLY A 80 1.05 11.04 18.25
C GLY A 80 1.25 9.59 17.87
N ASP A 81 1.92 8.78 18.71
CA ASP A 81 2.17 7.38 18.36
C ASP A 81 0.95 6.52 18.18
N LEU A 82 0.80 5.93 16.99
CA LEU A 82 -0.32 5.02 16.74
C LEU A 82 0.06 3.55 17.03
N GLY A 83 1.38 3.31 17.07
CA GLY A 83 1.91 1.96 17.26
C GLY A 83 2.05 1.29 15.86
N ALA A 84 2.30 -0.01 15.81
CA ALA A 84 2.45 -0.72 14.52
C ALA A 84 1.15 -1.14 13.84
N PHE A 85 1.17 -1.21 12.50
CA PHE A 85 0.00 -1.65 11.69
C PHE A 85 0.36 -2.12 10.28
N SER A 86 -0.34 -3.19 9.91
CA SER A 86 -0.21 -3.85 8.59
C SER A 86 -1.20 -3.27 7.61
N ARG A 87 -1.16 -3.67 6.36
CA ARG A 87 -2.17 -3.14 5.45
C ARG A 87 -3.56 -3.67 5.87
N GLY A 88 -4.61 -3.10 5.30
CA GLY A 88 -6.01 -3.51 5.61
C GLY A 88 -6.53 -3.18 7.02
N GLN A 89 -5.96 -2.22 7.72
CA GLN A 89 -6.42 -1.88 9.08
C GLN A 89 -6.89 -0.41 9.13
N MET A 90 -6.00 0.51 8.73
CA MET A 90 -6.27 1.95 8.66
C MET A 90 -6.96 2.40 7.35
N GLN A 91 -7.57 3.60 7.35
CA GLN A 91 -8.22 4.13 6.12
C GLN A 91 -7.15 4.16 5.03
N LYS A 92 -7.48 3.63 3.87
CA LYS A 92 -6.52 3.58 2.75
C LYS A 92 -5.65 4.79 2.38
N PRO A 93 -6.11 6.03 2.40
CA PRO A 93 -5.19 7.15 2.13
C PRO A 93 -4.03 7.23 3.15
N PHE A 94 -4.41 7.00 4.41
CA PHE A 94 -3.47 7.01 5.53
C PHE A 94 -2.48 5.87 5.34
N GLU A 95 -3.05 4.69 5.09
CA GLU A 95 -2.27 3.45 4.84
C GLU A 95 -1.22 3.61 3.70
N ASP A 96 -1.68 4.04 2.54
CA ASP A 96 -0.75 4.23 1.41
C ASP A 96 0.37 5.18 1.72
N ALA A 97 0.06 6.35 2.26
CA ALA A 97 1.05 7.37 2.62
C ALA A 97 2.08 6.84 3.63
N SER A 98 1.64 6.10 4.65
CA SER A 98 2.51 5.49 5.71
C SER A 98 3.53 4.46 5.21
N PHE A 99 3.03 3.46 4.43
CA PHE A 99 3.95 2.44 3.88
C PHE A 99 4.91 3.07 2.81
N ALA A 100 4.55 4.20 2.20
CA ALA A 100 5.39 4.95 1.21
C ALA A 100 6.53 5.75 1.89
N LEU A 101 6.44 5.90 3.20
CA LEU A 101 7.44 6.69 3.95
C LEU A 101 8.67 5.90 4.36
N ARG A 102 9.85 6.50 4.30
CA ARG A 102 11.06 5.81 4.78
C ARG A 102 11.05 5.95 6.31
N THR A 103 11.78 5.14 7.06
CA THR A 103 11.83 5.35 8.53
C THR A 103 12.37 6.77 8.79
N GLY A 104 11.82 7.52 9.69
CA GLY A 104 12.27 8.93 9.92
C GLY A 104 11.70 9.98 8.94
N GLU A 105 10.98 9.60 7.88
CA GLU A 105 10.39 10.57 6.89
C GLU A 105 8.96 11.08 7.27
N MET A 106 8.75 12.35 7.04
CA MET A 106 7.44 13.00 7.31
C MET A 106 6.60 13.19 6.06
N SER A 107 5.31 12.88 6.11
CA SER A 107 4.47 13.06 4.90
C SER A 107 4.07 14.52 4.78
N GLY A 108 3.44 14.91 3.67
CA GLY A 108 2.92 16.28 3.53
C GLY A 108 1.41 16.14 3.91
N PRO A 109 0.46 17.00 3.51
CA PRO A 109 -0.95 16.76 3.87
C PRO A 109 -1.54 15.39 3.43
N VAL A 110 -2.19 14.65 4.30
CA VAL A 110 -2.85 13.37 3.94
C VAL A 110 -4.33 13.43 4.35
N PHE A 111 -5.20 13.25 3.37
CA PHE A 111 -6.67 13.30 3.67
C PHE A 111 -7.36 11.98 3.86
N THR A 112 -8.19 11.91 4.89
CA THR A 112 -9.01 10.71 5.19
C THR A 112 -10.36 11.22 5.67
N ASP A 113 -11.38 10.37 5.80
CA ASP A 113 -12.68 10.87 6.29
C ASP A 113 -12.58 11.49 7.69
N SER A 114 -11.63 11.02 8.46
CA SER A 114 -11.40 11.59 9.84
C SER A 114 -10.88 13.03 9.81
N GLY A 115 -10.18 13.43 8.77
CA GLY A 115 -9.62 14.80 8.71
C GLY A 115 -8.29 14.88 7.92
N ILE A 116 -7.45 15.89 8.26
CA ILE A 116 -6.17 16.05 7.54
C ILE A 116 -5.05 15.58 8.45
N HIS A 117 -4.14 14.82 7.90
CA HIS A 117 -3.00 14.23 8.59
C HIS A 117 -1.61 14.63 8.11
N ILE A 118 -0.68 14.53 9.08
CA ILE A 118 0.77 14.73 8.88
C ILE A 118 1.25 13.46 9.55
N ILE A 119 1.94 12.63 8.79
CA ILE A 119 2.40 11.32 9.28
C ILE A 119 3.93 11.23 9.46
N LEU A 120 4.40 10.59 10.53
CA LEU A 120 5.86 10.45 10.70
C LEU A 120 6.17 8.97 10.84
N ARG A 121 6.85 8.36 9.90
CA ARG A 121 7.13 6.94 10.09
C ARG A 121 8.31 6.72 11.05
N THR A 122 8.09 6.00 12.14
CA THR A 122 9.19 5.72 13.10
C THR A 122 9.84 4.37 12.89
N GLU A 123 9.08 3.32 12.57
CA GLU A 123 9.63 1.98 12.30
C GLU A 123 9.06 1.29 11.03
N ARG B 14 20.80 -14.19 -7.09
CA ARG B 14 19.37 -14.06 -6.82
C ARG B 14 18.69 -12.79 -7.37
N VAL B 15 17.47 -12.92 -7.97
CA VAL B 15 16.74 -11.72 -8.39
C VAL B 15 15.52 -11.73 -7.45
N ARG B 16 14.87 -10.59 -7.30
CA ARG B 16 13.71 -10.52 -6.43
C ARG B 16 12.52 -10.21 -7.28
N CYS B 17 11.46 -10.94 -7.07
CA CYS B 17 10.30 -10.60 -7.92
C CYS B 17 8.96 -10.61 -7.19
N SER B 18 8.08 -9.77 -7.74
CA SER B 18 6.68 -9.66 -7.34
C SER B 18 5.82 -10.13 -8.54
N HIS B 19 4.60 -10.62 -8.36
CA HIS B 19 3.82 -11.07 -9.55
C HIS B 19 2.32 -11.11 -9.35
N LEU B 20 1.58 -11.09 -10.45
CA LEU B 20 0.12 -11.23 -10.44
C LEU B 20 -0.18 -12.48 -11.27
N LEU B 21 -0.72 -13.48 -10.59
CA LEU B 21 -1.06 -14.76 -11.19
C LEU B 21 -2.56 -14.95 -11.40
N VAL B 22 -2.92 -15.55 -12.53
CA VAL B 22 -4.32 -15.85 -12.82
C VAL B 22 -4.32 -17.31 -13.25
N LYS B 23 -4.87 -18.10 -12.38
CA LYS B 23 -5.03 -19.53 -12.61
C LYS B 23 -6.15 -19.81 -13.63
N HIS B 24 -6.34 -21.07 -13.98
CA HIS B 24 -7.44 -21.46 -14.91
C HIS B 24 -7.77 -22.90 -14.72
N SER B 25 -8.78 -23.46 -15.38
CA SER B 25 -9.13 -24.86 -15.17
C SER B 25 -7.98 -25.83 -15.40
N GLN B 26 -7.00 -25.50 -16.26
CA GLN B 26 -5.85 -26.41 -16.47
C GLN B 26 -4.63 -26.24 -15.52
N SER B 27 -4.68 -25.25 -14.63
CA SER B 27 -3.58 -25.01 -13.65
C SER B 27 -3.34 -26.26 -12.83
N ARG B 28 -2.12 -26.56 -12.37
CA ARG B 28 -1.88 -27.76 -11.53
C ARG B 28 -2.84 -27.85 -10.33
N ARG B 29 -3.23 -26.73 -9.75
CA ARG B 29 -4.13 -26.77 -8.60
C ARG B 29 -5.18 -25.69 -8.79
N PRO B 30 -6.31 -26.01 -9.46
CA PRO B 30 -7.32 -24.99 -9.89
C PRO B 30 -8.14 -24.54 -8.68
N SER B 31 -7.41 -23.93 -7.76
CA SER B 31 -7.99 -23.48 -6.49
C SER B 31 -7.17 -22.34 -5.92
N SER B 32 -7.74 -21.47 -5.13
CA SER B 32 -6.96 -20.38 -4.55
C SER B 32 -7.72 -19.69 -3.47
N TRP B 33 -7.06 -18.76 -2.78
CA TRP B 33 -7.75 -18.02 -1.72
C TRP B 33 -9.01 -17.30 -2.31
N ARG B 34 -9.03 -16.99 -3.62
CA ARG B 34 -10.20 -16.31 -4.26
C ARG B 34 -11.41 -17.22 -4.52
N GLN B 35 -11.14 -18.46 -4.90
CA GLN B 35 -12.19 -19.45 -5.21
C GLN B 35 -11.75 -20.89 -4.95
N GLU B 36 -12.65 -21.71 -4.39
CA GLU B 36 -12.26 -23.13 -4.15
C GLU B 36 -12.00 -23.88 -5.47
N GLN B 37 -12.73 -23.51 -6.51
CA GLN B 37 -12.54 -24.13 -7.82
C GLN B 37 -12.49 -23.07 -8.90
N ILE B 38 -11.36 -22.98 -9.55
CA ILE B 38 -11.11 -22.04 -10.61
C ILE B 38 -11.54 -22.72 -11.85
N THR B 39 -12.69 -22.26 -12.34
CA THR B 39 -13.40 -22.72 -13.56
C THR B 39 -13.02 -21.97 -14.85
N ARG B 40 -12.54 -20.71 -14.75
CA ARG B 40 -12.16 -19.99 -15.98
C ARG B 40 -11.18 -20.74 -16.90
N THR B 41 -11.35 -20.63 -18.20
CA THR B 41 -10.44 -21.29 -19.15
C THR B 41 -9.11 -20.54 -19.28
N GLN B 42 -8.10 -21.18 -19.84
CA GLN B 42 -6.78 -20.52 -20.02
C GLN B 42 -6.94 -19.25 -20.83
N GLU B 43 -7.68 -19.31 -21.93
CA GLU B 43 -7.89 -18.11 -22.74
C GLU B 43 -8.57 -17.00 -21.91
N GLU B 44 -9.52 -17.33 -21.02
CA GLU B 44 -10.16 -16.29 -20.15
C GLU B 44 -9.11 -15.66 -19.18
N ALA B 45 -8.22 -16.53 -18.70
CA ALA B 45 -7.11 -16.08 -17.83
C ALA B 45 -6.22 -15.12 -18.59
N LEU B 46 -5.85 -15.48 -19.83
CA LEU B 46 -4.96 -14.63 -20.65
C LEU B 46 -5.58 -13.25 -20.89
N GLU B 47 -6.88 -13.28 -21.08
CA GLU B 47 -7.65 -12.04 -21.29
C GLU B 47 -7.57 -11.21 -20.03
N LEU B 48 -7.74 -11.83 -18.86
CA LEU B 48 -7.66 -11.09 -17.56
C LEU B 48 -6.29 -10.47 -17.35
N ILE B 49 -5.26 -11.27 -17.60
CA ILE B 49 -3.86 -10.83 -17.51
C ILE B 49 -3.64 -9.62 -18.45
N ASN B 50 -4.04 -9.70 -19.75
CA ASN B 50 -3.90 -8.57 -20.70
C ASN B 50 -4.63 -7.36 -20.21
N GLY B 51 -5.83 -7.51 -19.66
CA GLY B 51 -6.60 -6.38 -19.14
C GLY B 51 -5.86 -5.71 -17.95
N TYR B 52 -5.34 -6.50 -17.01
CA TYR B 52 -4.57 -5.89 -15.90
C TYR B 52 -3.31 -5.19 -16.44
N ILE B 53 -2.49 -5.85 -17.28
CA ILE B 53 -1.30 -5.18 -17.84
C ILE B 53 -1.73 -3.81 -18.38
N GLN B 54 -2.80 -3.77 -19.19
CA GLN B 54 -3.26 -2.48 -19.74
C GLN B 54 -3.55 -1.44 -18.63
N LYS B 55 -4.22 -1.84 -17.53
CA LYS B 55 -4.46 -0.88 -16.41
C LYS B 55 -3.13 -0.39 -15.79
N ILE B 56 -2.13 -1.28 -15.68
CA ILE B 56 -0.82 -0.91 -15.09
C ILE B 56 -0.11 0.05 -16.03
N LYS B 57 0.05 -0.35 -17.30
CA LYS B 57 0.69 0.51 -18.35
C LYS B 57 0.02 1.86 -18.59
N SER B 58 -1.29 1.93 -18.49
CA SER B 58 -1.96 3.25 -18.65
C SER B 58 -1.82 4.05 -17.34
N GLY B 59 -1.47 3.37 -16.27
CA GLY B 59 -1.32 4.04 -14.96
C GLY B 59 -2.62 4.13 -14.19
N GLU B 60 -3.76 3.67 -14.72
CA GLU B 60 -5.00 3.74 -13.92
C GLU B 60 -4.87 3.01 -12.58
N GLU B 61 -4.14 1.91 -12.61
CA GLU B 61 -3.89 1.07 -11.42
C GLU B 61 -2.38 0.68 -11.24
N ASP B 62 -1.86 0.47 -10.03
CA ASP B 62 -0.44 0.04 -9.98
C ASP B 62 -0.35 -1.45 -9.77
N PHE B 63 0.77 -2.05 -10.15
CA PHE B 63 0.96 -3.50 -9.98
C PHE B 63 0.58 -4.12 -8.65
N GLU B 64 1.07 -3.57 -7.56
CA GLU B 64 0.85 -4.02 -6.16
C GLU B 64 -0.61 -4.10 -5.71
N SER B 65 -1.38 -3.09 -6.08
CA SER B 65 -2.82 -3.01 -5.75
C SER B 65 -3.58 -4.05 -6.53
N LEU B 66 -3.30 -4.17 -7.83
CA LEU B 66 -3.97 -5.21 -8.66
C LEU B 66 -3.59 -6.59 -8.15
N ALA B 67 -2.32 -6.87 -7.89
CA ALA B 67 -1.89 -8.18 -7.37
C ALA B 67 -2.54 -8.52 -6.04
N SER B 68 -2.62 -7.60 -5.08
CA SER B 68 -3.29 -7.94 -3.78
C SER B 68 -4.76 -8.22 -3.98
N GLN B 69 -5.36 -7.45 -4.89
CA GLN B 69 -6.78 -7.65 -5.24
C GLN B 69 -7.13 -8.91 -6.06
N PHE B 70 -6.37 -9.08 -7.12
CA PHE B 70 -6.65 -10.14 -8.08
C PHE B 70 -5.77 -11.35 -8.30
N SER B 71 -4.57 -11.43 -7.71
CA SER B 71 -3.72 -12.63 -7.95
C SER B 71 -4.22 -13.89 -7.25
N ASP B 72 -4.24 -15.05 -7.93
CA ASP B 72 -4.65 -16.36 -7.35
C ASP B 72 -3.55 -17.07 -6.49
N CYS B 73 -2.42 -16.36 -6.34
CA CYS B 73 -1.25 -16.81 -5.55
C CYS B 73 -1.36 -16.32 -4.12
N SER B 74 -1.08 -17.14 -3.11
CA SER B 74 -1.11 -16.65 -1.70
C SER B 74 -0.26 -15.39 -1.53
N SER B 75 0.82 -15.17 -2.34
CA SER B 75 1.60 -13.91 -2.20
C SER B 75 0.74 -12.69 -2.48
N ALA B 76 -0.53 -12.81 -2.88
CA ALA B 76 -1.34 -11.59 -3.07
C ALA B 76 -1.35 -10.80 -1.75
N LYS B 77 -1.38 -11.52 -0.61
CA LYS B 77 -1.39 -10.90 0.74
C LYS B 77 -0.16 -9.95 0.96
N ALA B 78 0.97 -10.28 0.30
CA ALA B 78 2.23 -9.51 0.34
C ALA B 78 2.35 -8.62 -0.93
N ARG B 79 1.20 -8.15 -1.46
CA ARG B 79 1.16 -7.32 -2.69
C ARG B 79 1.98 -7.89 -3.86
N GLY B 80 1.90 -9.20 -4.02
CA GLY B 80 2.58 -9.97 -5.07
C GLY B 80 4.05 -10.39 -4.84
N ASP B 81 4.70 -9.90 -3.79
CA ASP B 81 6.11 -10.25 -3.52
C ASP B 81 6.41 -11.75 -3.26
N LEU B 82 7.26 -12.35 -4.09
CA LEU B 82 7.65 -13.78 -3.95
C LEU B 82 8.88 -13.96 -3.08
N GLY B 83 9.63 -12.88 -2.98
CA GLY B 83 10.88 -12.89 -2.23
C GLY B 83 12.03 -13.06 -3.19
N ALA B 84 13.23 -13.27 -2.62
CA ALA B 84 14.36 -13.42 -3.57
C ALA B 84 14.53 -14.84 -3.97
N PHE B 85 15.11 -15.10 -5.14
CA PHE B 85 15.32 -16.51 -5.55
C PHE B 85 16.42 -16.60 -6.58
N SER B 86 17.15 -17.69 -6.42
CA SER B 86 18.29 -18.07 -7.30
C SER B 86 17.85 -19.00 -8.47
N ARG B 87 18.71 -19.29 -9.44
CA ARG B 87 18.28 -20.24 -10.50
C ARG B 87 18.01 -21.60 -9.86
N GLY B 88 17.17 -22.41 -10.51
CA GLY B 88 16.76 -23.71 -9.95
C GLY B 88 15.47 -23.61 -9.09
N GLN B 89 15.40 -22.83 -8.00
CA GLN B 89 14.18 -22.80 -7.16
C GLN B 89 12.75 -22.80 -7.82
N MET B 90 12.50 -21.81 -8.67
CA MET B 90 11.21 -21.58 -9.37
C MET B 90 10.97 -22.37 -10.64
N GLN B 91 9.70 -22.66 -10.97
CA GLN B 91 9.41 -23.41 -12.26
C GLN B 91 10.21 -22.80 -13.42
N LYS B 92 10.66 -23.57 -14.40
CA LYS B 92 11.51 -23.00 -15.49
C LYS B 92 10.98 -21.85 -16.29
N PRO B 93 9.76 -21.92 -16.88
CA PRO B 93 9.23 -20.72 -17.59
C PRO B 93 9.26 -19.45 -16.72
N PHE B 94 9.01 -19.58 -15.42
CA PHE B 94 8.99 -18.41 -14.51
C PHE B 94 10.43 -17.88 -14.30
N GLU B 95 11.36 -18.78 -14.03
CA GLU B 95 12.75 -18.39 -13.85
C GLU B 95 13.24 -17.71 -15.14
N ASP B 96 13.02 -18.30 -16.32
CA ASP B 96 13.44 -17.65 -17.59
C ASP B 96 12.90 -16.25 -17.73
N ALA B 97 11.56 -16.08 -17.62
CA ALA B 97 10.94 -14.72 -17.69
C ALA B 97 11.51 -13.71 -16.67
N SER B 98 11.65 -14.10 -15.42
CA SER B 98 12.22 -13.26 -14.34
C SER B 98 13.66 -12.75 -14.61
N PHE B 99 14.59 -13.69 -14.85
CA PHE B 99 16.00 -13.29 -15.10
C PHE B 99 16.16 -12.54 -16.40
N ALA B 100 15.24 -12.75 -17.35
CA ALA B 100 15.31 -11.99 -18.62
C ALA B 100 14.90 -10.52 -18.47
N LEU B 101 14.33 -10.14 -17.34
CA LEU B 101 13.93 -8.75 -17.10
C LEU B 101 15.02 -7.85 -16.46
N ARG B 102 15.13 -6.60 -16.87
CA ARG B 102 16.08 -5.67 -16.21
C ARG B 102 15.41 -5.25 -14.90
N THR B 103 16.08 -4.77 -13.86
CA THR B 103 15.35 -4.43 -12.60
C THR B 103 14.31 -3.39 -12.83
N GLY B 104 13.18 -3.51 -12.17
CA GLY B 104 12.10 -2.53 -12.34
C GLY B 104 11.24 -2.85 -13.55
N GLU B 105 11.68 -3.79 -14.40
CA GLU B 105 10.92 -4.20 -15.60
C GLU B 105 9.76 -5.16 -15.37
N MET B 106 8.69 -4.98 -16.14
CA MET B 106 7.52 -5.84 -16.03
C MET B 106 7.39 -6.81 -17.23
N SER B 107 7.08 -8.09 -16.99
CA SER B 107 6.93 -9.02 -18.10
C SER B 107 5.57 -8.92 -18.78
N GLY B 108 5.49 -9.56 -19.94
CA GLY B 108 4.21 -9.64 -20.69
C GLY B 108 3.52 -10.89 -20.11
N PRO B 109 2.53 -11.50 -20.75
CA PRO B 109 2.04 -12.78 -20.25
C PRO B 109 3.09 -13.86 -20.07
N VAL B 110 3.12 -14.46 -18.88
CA VAL B 110 4.06 -15.55 -18.67
C VAL B 110 3.31 -16.85 -18.33
N PHE B 111 3.41 -17.83 -19.24
CA PHE B 111 2.76 -19.14 -19.10
C PHE B 111 3.51 -20.23 -18.31
N THR B 112 2.86 -20.82 -17.31
CA THR B 112 3.45 -21.90 -16.50
C THR B 112 2.41 -22.99 -16.16
N ASP B 113 2.85 -24.07 -15.53
CA ASP B 113 2.01 -25.17 -15.00
C ASP B 113 0.90 -24.64 -14.05
N SER B 114 1.28 -23.66 -13.22
CA SER B 114 0.44 -22.96 -12.21
C SER B 114 -0.57 -21.98 -12.80
N GLY B 115 -0.32 -21.47 -14.00
CA GLY B 115 -1.24 -20.46 -14.59
C GLY B 115 -0.52 -19.37 -15.39
N ILE B 116 -1.26 -18.28 -15.72
CA ILE B 116 -0.67 -17.14 -16.48
C ILE B 116 -0.32 -15.97 -15.56
N HIS B 117 0.91 -15.48 -15.70
CA HIS B 117 1.45 -14.39 -14.84
C HIS B 117 1.97 -13.08 -15.43
N ILE B 118 2.05 -12.08 -14.59
CA ILE B 118 2.62 -10.77 -14.94
C ILE B 118 3.76 -10.68 -13.91
N ILE B 119 5.02 -10.62 -14.34
CA ILE B 119 6.16 -10.53 -13.41
C ILE B 119 6.79 -9.14 -13.31
N LEU B 120 7.07 -8.68 -12.11
CA LEU B 120 7.75 -7.38 -11.89
C LEU B 120 9.05 -7.72 -11.11
N ARG B 121 10.17 -7.60 -11.79
CA ARG B 121 11.48 -7.83 -11.16
C ARG B 121 11.76 -6.61 -10.25
N THR B 122 11.72 -6.77 -8.94
CA THR B 122 11.98 -5.58 -8.08
C THR B 122 13.44 -5.34 -7.76
N GLU B 123 14.22 -6.42 -7.69
CA GLU B 123 15.67 -6.38 -7.38
C GLU B 123 16.44 -7.38 -8.25
#